data_3N5U
#
_entry.id   3N5U
#
_cell.length_a   92.946
_cell.length_b   92.946
_cell.length_c   192.381
_cell.angle_alpha   90.000
_cell.angle_beta   90.000
_cell.angle_gamma   90.000
#
_symmetry.space_group_name_H-M   'P 41 21 2'
#
loop_
_entity.id
_entity.type
_entity.pdbx_description
1 polymer 'Serine/threonine-protein phosphatase PP1-alpha catalytic subunit'
2 polymer 'Retinoblastoma-associated protein'
3 non-polymer 'MANGANESE (II) ION'
4 non-polymer 'CHLORIDE ION'
#
loop_
_entity_poly.entity_id
_entity_poly.type
_entity_poly.pdbx_seq_one_letter_code
_entity_poly.pdbx_strand_id
1 'polypeptide(L)'
;MSDSEKLNLDSIIGRLLEVQGSRPGKNVQLTENEIRGLCLKSREIFLSQPILLELEAPLKICGDIHGQYYDLLRLFEYGG
FPPESNYLFLGDYVDRGKQSLETICLLLAYKIKYPENFFLLRGNHECASINRIYGFYDECKRRYNIKLWKTFTDCFNCLP
IAAIVDEKIFCCHGGLSPDLQSMEQIRRIMRPTDVPDQGLLCDLLWSDPDKDVQGWGENDRGVSFTFGAEVVAKFLHKHD
LDLICRAHQVVEDGYEFFAKRQLVTLFSAPNYCGEFDNAGAMMSVDETLMCSFQILKPAD
;
A,B
2 'polypeptide(L)' KPLKKLRFDIEGS C
#
# COMPACT_ATOMS: atom_id res chain seq x y z
N LEU A 7 28.79 -17.21 8.53
CA LEU A 7 27.37 -17.58 8.54
C LEU A 7 27.16 -19.08 8.74
N ASN A 8 26.62 -19.45 9.89
CA ASN A 8 26.38 -20.86 10.19
C ASN A 8 25.07 -21.36 9.59
N LEU A 9 25.08 -21.56 8.28
CA LEU A 9 23.87 -21.93 7.54
C LEU A 9 23.18 -23.18 8.09
N ASP A 10 23.94 -24.26 8.28
CA ASP A 10 23.38 -25.51 8.75
C ASP A 10 22.69 -25.37 10.11
N SER A 11 23.31 -24.62 11.02
CA SER A 11 22.72 -24.40 12.34
C SER A 11 21.36 -23.75 12.20
N ILE A 12 21.30 -22.72 11.36
CA ILE A 12 20.09 -21.96 11.12
C ILE A 12 18.98 -22.88 10.61
N ILE A 13 19.25 -23.58 9.51
CA ILE A 13 18.29 -24.52 8.97
C ILE A 13 17.85 -25.51 10.03
N GLY A 14 18.80 -25.91 10.87
CA GLY A 14 18.53 -26.88 11.93
C GLY A 14 17.51 -26.41 12.94
N ARG A 15 17.72 -25.21 13.48
CA ARG A 15 16.78 -24.64 14.44
C ARG A 15 15.43 -24.39 13.82
N LEU A 16 15.43 -24.11 12.51
CA LEU A 16 14.19 -23.86 11.77
C LEU A 16 13.36 -25.13 11.59
N LEU A 17 13.97 -26.17 11.06
CA LEU A 17 13.27 -27.43 10.81
C LEU A 17 12.89 -28.12 12.13
N GLU A 18 13.52 -27.70 13.22
CA GLU A 18 13.36 -28.36 14.51
C GLU A 18 11.92 -28.39 15.00
N VAL A 19 11.17 -27.33 14.77
CA VAL A 19 9.77 -27.27 15.23
C VAL A 19 8.82 -28.12 14.39
N GLN A 20 9.39 -28.89 13.48
CA GLN A 20 8.58 -29.70 12.56
C GLN A 20 7.60 -30.60 13.31
N GLY A 21 6.33 -30.22 13.28
CA GLY A 21 5.27 -30.96 13.96
C GLY A 21 5.37 -30.85 15.46
N SER A 22 5.11 -29.65 15.97
CA SER A 22 5.25 -29.40 17.40
C SER A 22 4.25 -28.35 17.85
N ARG A 23 2.97 -28.63 17.59
CA ARG A 23 1.90 -27.67 17.88
C ARG A 23 1.93 -26.57 16.82
N PRO A 24 0.74 -26.03 16.47
CA PRO A 24 0.63 -24.98 15.45
C PRO A 24 1.11 -23.61 15.94
N GLY A 25 2.13 -23.06 15.28
CA GLY A 25 2.59 -21.73 15.59
C GLY A 25 3.64 -21.63 16.69
N LYS A 26 4.58 -22.58 16.72
CA LYS A 26 5.71 -22.48 17.63
C LYS A 26 6.84 -21.71 16.96
N ASN A 27 7.10 -20.50 17.47
CA ASN A 27 8.08 -19.60 16.87
C ASN A 27 9.50 -20.15 16.87
N VAL A 28 10.32 -19.67 15.92
CA VAL A 28 11.75 -19.95 15.90
C VAL A 28 12.50 -18.63 15.78
N GLN A 29 13.16 -18.22 16.86
CA GLN A 29 13.74 -16.88 16.93
C GLN A 29 15.25 -16.89 16.67
N LEU A 30 15.63 -16.64 15.43
CA LEU A 30 17.04 -16.51 15.09
C LEU A 30 17.57 -15.16 15.60
N THR A 31 18.88 -14.93 15.51
CA THR A 31 19.40 -13.63 15.87
C THR A 31 19.29 -12.72 14.67
N GLU A 32 19.07 -11.44 14.90
CA GLU A 32 18.91 -10.50 13.80
C GLU A 32 20.16 -10.53 12.93
N ASN A 33 21.28 -10.91 13.53
CA ASN A 33 22.52 -11.01 12.75
C ASN A 33 22.52 -12.21 11.82
N GLU A 34 21.92 -13.31 12.26
CA GLU A 34 21.78 -14.47 11.40
C GLU A 34 20.88 -14.13 10.21
N ILE A 35 19.77 -13.45 10.49
CA ILE A 35 18.84 -13.09 9.44
C ILE A 35 19.46 -12.14 8.39
N ARG A 36 20.23 -11.15 8.83
CA ARG A 36 20.93 -10.28 7.88
C ARG A 36 21.82 -11.10 6.97
N GLY A 37 22.44 -12.14 7.54
CA GLY A 37 23.31 -13.02 6.78
C GLY A 37 22.51 -13.65 5.65
N LEU A 38 21.39 -14.25 6.02
CA LEU A 38 20.48 -14.85 5.05
C LEU A 38 20.11 -13.86 3.96
N CYS A 39 19.81 -12.62 4.34
CA CYS A 39 19.40 -11.60 3.38
C CYS A 39 20.51 -11.17 2.45
N LEU A 40 21.69 -10.87 3.01
CA LEU A 40 22.79 -10.34 2.22
C LEU A 40 23.45 -11.39 1.32
N LYS A 41 23.66 -12.59 1.85
CA LYS A 41 24.34 -13.64 1.10
C LYS A 41 23.44 -14.28 0.06
N SER A 42 22.14 -14.11 0.23
CA SER A 42 21.19 -14.57 -0.78
C SER A 42 20.99 -13.46 -1.81
N ARG A 43 20.91 -12.22 -1.33
CA ARG A 43 20.84 -11.06 -2.21
C ARG A 43 21.98 -11.12 -3.22
N GLU A 44 23.16 -11.54 -2.79
CA GLU A 44 24.29 -11.75 -3.68
C GLU A 44 23.91 -12.73 -4.79
N ILE A 45 23.45 -13.91 -4.37
CA ILE A 45 23.05 -14.96 -5.30
C ILE A 45 22.00 -14.48 -6.32
N PHE A 46 20.99 -13.76 -5.83
CA PHE A 46 19.92 -13.31 -6.71
C PHE A 46 20.44 -12.45 -7.85
N LEU A 47 21.43 -11.62 -7.55
CA LEU A 47 21.96 -10.71 -8.55
C LEU A 47 22.85 -11.44 -9.57
N SER A 48 23.74 -12.30 -9.08
CA SER A 48 24.63 -13.04 -9.98
C SER A 48 23.84 -13.98 -10.90
N GLN A 49 22.61 -14.30 -10.49
CA GLN A 49 21.71 -15.09 -11.32
C GLN A 49 20.81 -14.18 -12.16
N PRO A 50 20.33 -14.69 -13.31
CA PRO A 50 19.53 -13.88 -14.23
C PRO A 50 18.17 -13.48 -13.64
N ILE A 51 17.67 -12.31 -14.02
CA ILE A 51 16.36 -11.87 -13.56
C ILE A 51 15.26 -12.73 -14.17
N LEU A 52 15.55 -13.30 -15.34
CA LEU A 52 14.65 -14.25 -15.98
C LEU A 52 15.31 -15.62 -16.02
N LEU A 53 14.99 -16.44 -15.02
CA LEU A 53 15.61 -17.75 -14.86
C LEU A 53 15.28 -18.69 -16.02
N GLU A 54 16.10 -19.72 -16.17
CA GLU A 54 15.85 -20.79 -17.14
C GLU A 54 16.13 -22.13 -16.50
N LEU A 55 15.08 -22.77 -15.99
CA LEU A 55 15.22 -24.02 -15.24
C LEU A 55 14.94 -25.22 -16.12
N GLU A 56 15.04 -26.41 -15.52
CA GLU A 56 14.75 -27.65 -16.23
C GLU A 56 14.13 -28.66 -15.28
N ALA A 57 13.16 -29.42 -15.79
CA ALA A 57 12.55 -30.48 -15.01
C ALA A 57 13.60 -31.53 -14.65
N PRO A 58 13.35 -32.31 -13.58
CA PRO A 58 12.14 -32.23 -12.75
C PRO A 58 12.23 -31.11 -11.72
N LEU A 59 11.07 -30.65 -11.27
CA LEU A 59 11.00 -29.69 -10.17
C LEU A 59 9.57 -29.53 -9.69
N LYS A 60 9.42 -29.27 -8.41
CA LYS A 60 8.11 -28.96 -7.85
C LYS A 60 7.92 -27.45 -7.92
N ILE A 61 6.69 -27.02 -8.16
CA ILE A 61 6.39 -25.59 -8.19
C ILE A 61 5.33 -25.24 -7.15
N CYS A 62 5.47 -24.06 -6.54
CA CYS A 62 4.57 -23.64 -5.49
C CYS A 62 4.15 -22.18 -5.65
N GLY A 63 2.97 -21.86 -5.12
CA GLY A 63 2.44 -20.52 -5.23
C GLY A 63 2.60 -19.73 -3.96
N ASP A 64 1.52 -19.07 -3.54
CA ASP A 64 1.57 -18.25 -2.35
C ASP A 64 1.69 -19.09 -1.09
N ILE A 65 2.57 -18.67 -0.18
CA ILE A 65 2.71 -19.30 1.12
C ILE A 65 2.19 -18.39 2.21
N HIS A 66 2.33 -17.08 2.01
CA HIS A 66 1.80 -16.06 2.90
C HIS A 66 1.89 -16.39 4.39
N GLY A 67 3.12 -16.58 4.86
CA GLY A 67 3.40 -16.69 6.29
C GLY A 67 2.96 -17.95 7.01
N GLN A 68 2.20 -18.81 6.34
CA GLN A 68 1.74 -20.03 6.96
C GLN A 68 2.86 -21.06 6.95
N TYR A 69 3.70 -20.99 7.98
CA TYR A 69 4.95 -21.72 8.06
C TYR A 69 4.78 -23.22 8.20
N TYR A 70 3.83 -23.63 9.02
CA TYR A 70 3.63 -25.06 9.26
C TYR A 70 3.06 -25.76 8.04
N ASP A 71 2.40 -24.99 7.17
CA ASP A 71 1.91 -25.49 5.91
C ASP A 71 3.04 -25.57 4.88
N LEU A 72 4.03 -24.70 5.03
CA LEU A 72 5.24 -24.78 4.22
C LEU A 72 6.06 -26.02 4.61
N LEU A 73 5.99 -26.39 5.88
CA LEU A 73 6.65 -27.62 6.32
C LEU A 73 5.99 -28.84 5.72
N ARG A 74 4.67 -28.95 5.89
CA ARG A 74 3.91 -30.04 5.28
C ARG A 74 4.19 -30.11 3.79
N LEU A 75 4.42 -28.94 3.20
CA LEU A 75 4.65 -28.82 1.78
C LEU A 75 5.96 -29.49 1.36
N PHE A 76 6.98 -29.36 2.20
CA PHE A 76 8.25 -30.06 1.98
C PHE A 76 8.11 -31.51 2.42
N GLU A 77 7.38 -31.70 3.51
CA GLU A 77 7.16 -33.02 4.08
C GLU A 77 6.47 -33.93 3.08
N TYR A 78 5.82 -33.32 2.09
CA TYR A 78 5.00 -34.03 1.12
C TYR A 78 5.75 -34.21 -0.21
N GLY A 79 6.46 -33.18 -0.63
CA GLY A 79 7.19 -33.21 -1.89
C GLY A 79 8.67 -33.49 -1.74
N GLY A 80 9.14 -33.45 -0.49
CA GLY A 80 10.53 -33.74 -0.17
C GLY A 80 11.39 -32.51 0.08
N PHE A 81 12.04 -32.49 1.24
CA PHE A 81 12.96 -31.40 1.59
C PHE A 81 14.17 -31.41 0.67
N PRO A 82 14.73 -30.22 0.36
CA PRO A 82 15.88 -30.14 -0.54
C PRO A 82 17.14 -30.84 0.02
N PRO A 83 18.04 -31.29 -0.87
CA PRO A 83 17.89 -31.17 -2.32
C PRO A 83 17.19 -32.37 -2.96
N GLU A 84 16.42 -33.12 -2.17
CA GLU A 84 15.67 -34.26 -2.70
C GLU A 84 14.89 -33.85 -3.95
N SER A 85 14.18 -32.72 -3.85
CA SER A 85 13.43 -32.18 -4.97
C SER A 85 13.92 -30.78 -5.33
N ASN A 86 13.93 -30.46 -6.62
CA ASN A 86 14.17 -29.10 -7.07
C ASN A 86 12.90 -28.28 -6.88
N TYR A 87 13.07 -26.99 -6.61
CA TYR A 87 11.91 -26.14 -6.29
C TYR A 87 11.91 -24.80 -6.99
N LEU A 88 10.72 -24.39 -7.43
CA LEU A 88 10.47 -23.03 -7.87
C LEU A 88 9.29 -22.49 -7.09
N PHE A 89 9.49 -21.37 -6.39
CA PHE A 89 8.40 -20.71 -5.69
C PHE A 89 7.99 -19.44 -6.41
N LEU A 90 6.68 -19.18 -6.47
CA LEU A 90 6.14 -18.11 -7.28
C LEU A 90 5.89 -16.79 -6.52
N GLY A 91 6.56 -16.58 -5.41
CA GLY A 91 6.42 -15.34 -4.67
C GLY A 91 5.33 -15.38 -3.61
N ASP A 92 5.02 -14.21 -3.06
CA ASP A 92 4.11 -14.07 -1.93
C ASP A 92 4.47 -14.97 -0.75
N TYR A 93 5.60 -14.69 -0.14
CA TYR A 93 6.12 -15.53 0.94
C TYR A 93 5.67 -15.02 2.31
N VAL A 94 5.58 -13.71 2.44
CA VAL A 94 5.26 -13.08 3.72
C VAL A 94 3.88 -12.43 3.68
N ASP A 95 3.47 -11.85 4.81
CA ASP A 95 2.20 -11.15 4.92
C ASP A 95 1.02 -12.06 5.19
N ARG A 96 0.09 -11.54 5.98
CA ARG A 96 -1.16 -12.23 6.33
C ARG A 96 -1.01 -13.44 7.24
N GLY A 97 -0.15 -14.38 6.87
CA GLY A 97 0.13 -15.52 7.72
C GLY A 97 0.59 -15.12 9.12
N LYS A 98 0.76 -16.12 9.98
CA LYS A 98 1.19 -15.88 11.36
C LYS A 98 2.72 -15.78 11.47
N GLN A 99 3.42 -16.56 10.66
CA GLN A 99 4.86 -16.69 10.78
C GLN A 99 5.59 -16.40 9.47
N SER A 100 5.61 -15.13 9.07
CA SER A 100 6.32 -14.73 7.86
C SER A 100 7.81 -14.89 8.06
N LEU A 101 8.28 -14.56 9.26
CA LEU A 101 9.71 -14.60 9.57
C LEU A 101 10.33 -15.99 9.36
N GLU A 102 9.75 -17.01 9.98
CA GLU A 102 10.25 -18.36 9.77
C GLU A 102 10.19 -18.74 8.30
N THR A 103 9.07 -18.42 7.65
CA THR A 103 8.85 -18.77 6.25
C THR A 103 9.94 -18.22 5.35
N ILE A 104 10.11 -16.90 5.36
CA ILE A 104 11.06 -16.27 4.46
C ILE A 104 12.50 -16.67 4.79
N CYS A 105 12.75 -16.99 6.06
CA CYS A 105 14.08 -17.39 6.48
C CYS A 105 14.46 -18.78 5.97
N LEU A 106 13.56 -19.74 6.17
CA LEU A 106 13.77 -21.10 5.67
C LEU A 106 13.98 -21.09 4.17
N LEU A 107 13.27 -20.21 3.47
CA LEU A 107 13.35 -20.11 2.02
C LEU A 107 14.67 -19.46 1.57
N LEU A 108 15.04 -18.36 2.20
CA LEU A 108 16.30 -17.68 1.88
C LEU A 108 17.49 -18.56 2.23
N ALA A 109 17.30 -19.44 3.21
CA ALA A 109 18.35 -20.36 3.64
C ALA A 109 18.62 -21.42 2.58
N TYR A 110 17.56 -22.07 2.12
CA TYR A 110 17.68 -23.10 1.09
C TYR A 110 18.17 -22.52 -0.22
N LYS A 111 17.86 -21.25 -0.47
CA LYS A 111 18.36 -20.59 -1.66
C LYS A 111 19.87 -20.45 -1.59
N ILE A 112 20.40 -20.35 -0.37
CA ILE A 112 21.84 -20.21 -0.19
C ILE A 112 22.55 -21.56 -0.16
N LYS A 113 21.91 -22.54 0.49
CA LYS A 113 22.45 -23.89 0.61
C LYS A 113 22.53 -24.61 -0.74
N TYR A 114 21.43 -24.53 -1.50
CA TYR A 114 21.38 -25.15 -2.82
C TYR A 114 20.98 -24.13 -3.86
N PRO A 115 21.89 -23.23 -4.21
CA PRO A 115 21.64 -22.10 -5.11
C PRO A 115 21.22 -22.54 -6.50
N GLU A 116 21.37 -23.84 -6.79
CA GLU A 116 21.12 -24.34 -8.13
C GLU A 116 19.97 -25.34 -8.21
N ASN A 117 19.45 -25.75 -7.05
CA ASN A 117 18.33 -26.68 -7.00
C ASN A 117 17.16 -26.08 -6.24
N PHE A 118 17.17 -24.76 -6.11
CA PHE A 118 16.17 -24.05 -5.32
C PHE A 118 16.05 -22.62 -5.82
N PHE A 119 14.86 -22.23 -6.27
CA PHE A 119 14.67 -20.91 -6.86
C PHE A 119 13.45 -20.17 -6.34
N LEU A 120 13.61 -18.85 -6.20
CA LEU A 120 12.54 -18.01 -5.68
C LEU A 120 12.26 -16.83 -6.59
N LEU A 121 10.98 -16.64 -6.95
CA LEU A 121 10.55 -15.49 -7.75
C LEU A 121 9.96 -14.42 -6.83
N ARG A 122 9.52 -13.32 -7.40
CA ARG A 122 9.03 -12.19 -6.59
C ARG A 122 7.53 -11.97 -6.74
N GLY A 123 6.80 -12.20 -5.65
CA GLY A 123 5.38 -11.92 -5.60
C GLY A 123 5.12 -10.45 -5.32
N ASN A 124 3.87 -10.01 -5.47
CA ASN A 124 3.56 -8.60 -5.23
C ASN A 124 3.79 -8.21 -3.78
N HIS A 125 3.71 -9.19 -2.89
CA HIS A 125 3.94 -8.93 -1.46
C HIS A 125 5.43 -8.92 -1.07
N GLU A 126 6.31 -9.10 -2.05
CA GLU A 126 7.74 -8.91 -1.80
C GLU A 126 8.09 -7.48 -2.19
N CYS A 127 7.44 -6.54 -1.51
CA CYS A 127 7.53 -5.13 -1.82
C CYS A 127 7.19 -4.35 -0.56
N ALA A 128 8.00 -3.35 -0.24
CA ALA A 128 7.80 -2.57 0.98
C ALA A 128 6.47 -1.79 0.97
N SER A 129 5.92 -1.56 -0.22
CA SER A 129 4.67 -0.83 -0.36
C SER A 129 3.50 -1.56 0.30
N ILE A 130 3.53 -2.88 0.27
CA ILE A 130 2.47 -3.67 0.89
C ILE A 130 2.95 -4.52 2.08
N ASN A 131 4.26 -4.78 2.14
CA ASN A 131 4.88 -5.42 3.31
C ASN A 131 4.48 -4.71 4.58
N ARG A 132 4.62 -3.40 4.54
CA ARG A 132 4.35 -2.58 5.70
C ARG A 132 2.94 -2.84 6.17
N ILE A 133 2.01 -2.89 5.24
CA ILE A 133 0.59 -2.93 5.55
C ILE A 133 0.08 -4.28 6.03
N TYR A 134 0.30 -5.33 5.24
CA TYR A 134 -0.36 -6.60 5.47
C TYR A 134 0.34 -7.54 6.45
N GLY A 135 1.09 -6.96 7.38
CA GLY A 135 1.54 -7.70 8.55
C GLY A 135 2.95 -8.26 8.59
N PHE A 136 3.77 -7.98 7.59
CA PHE A 136 5.15 -8.44 7.64
C PHE A 136 6.04 -7.46 8.37
N TYR A 137 5.91 -6.17 8.03
CA TYR A 137 6.65 -5.13 8.73
C TYR A 137 6.28 -5.14 10.21
N ASP A 138 5.02 -5.42 10.51
CA ASP A 138 4.56 -5.52 11.87
C ASP A 138 5.24 -6.68 12.60
N GLU A 139 5.33 -7.82 11.91
CA GLU A 139 6.00 -8.97 12.48
C GLU A 139 7.44 -8.64 12.84
N CYS A 140 8.17 -8.01 11.91
CA CYS A 140 9.55 -7.62 12.19
C CYS A 140 9.61 -6.70 13.39
N LYS A 141 8.80 -5.64 13.32
CA LYS A 141 8.77 -4.62 14.36
C LYS A 141 8.52 -5.25 15.73
N ARG A 142 7.64 -6.24 15.77
CA ARG A 142 7.29 -6.93 17.01
C ARG A 142 8.41 -7.81 17.51
N ARG A 143 9.00 -8.62 16.63
CA ARG A 143 9.99 -9.61 17.05
C ARG A 143 11.44 -9.10 16.99
N TYR A 144 11.69 -8.14 16.11
CA TYR A 144 13.02 -7.58 15.94
C TYR A 144 12.97 -6.06 15.94
N ASN A 145 13.17 -5.47 14.77
CA ASN A 145 13.19 -4.01 14.67
C ASN A 145 12.99 -3.49 13.25
N ILE A 146 12.69 -2.21 13.16
CA ILE A 146 12.41 -1.57 11.88
C ILE A 146 13.56 -1.74 10.91
N LYS A 147 14.77 -1.50 11.40
CA LYS A 147 15.96 -1.59 10.56
C LYS A 147 16.00 -2.92 9.78
N LEU A 148 15.67 -4.01 10.47
CA LEU A 148 15.75 -5.34 9.86
C LEU A 148 14.79 -5.48 8.70
N TRP A 149 13.58 -4.97 8.87
CA TRP A 149 12.58 -4.99 7.80
C TRP A 149 13.09 -4.21 6.60
N LYS A 150 13.76 -3.09 6.89
CA LYS A 150 14.34 -2.26 5.85
C LYS A 150 15.39 -3.04 5.08
N THR A 151 15.89 -4.11 5.70
CA THR A 151 16.93 -4.95 5.10
C THR A 151 16.35 -6.02 4.19
N PHE A 152 15.20 -6.55 4.59
CA PHE A 152 14.48 -7.49 3.76
C PHE A 152 14.11 -6.82 2.44
N THR A 153 13.58 -5.61 2.52
CA THR A 153 13.14 -4.92 1.32
C THR A 153 14.31 -4.58 0.39
N ASP A 154 15.54 -4.72 0.87
CA ASP A 154 16.72 -4.56 0.03
C ASP A 154 17.10 -5.88 -0.60
N CYS A 155 16.56 -6.94 -0.03
CA CYS A 155 16.80 -8.28 -0.52
C CYS A 155 15.73 -8.62 -1.54
N PHE A 156 14.49 -8.30 -1.21
CA PHE A 156 13.38 -8.52 -2.13
C PHE A 156 13.59 -7.75 -3.43
N ASN A 157 14.06 -6.51 -3.30
CA ASN A 157 14.27 -5.67 -4.47
C ASN A 157 15.24 -6.28 -5.48
N CYS A 158 15.85 -7.40 -5.12
CA CYS A 158 16.81 -8.07 -5.99
C CYS A 158 16.35 -9.46 -6.42
N LEU A 159 15.07 -9.76 -6.21
CA LEU A 159 14.52 -11.07 -6.56
C LEU A 159 14.29 -11.19 -8.07
N PRO A 160 14.28 -12.44 -8.56
CA PRO A 160 13.96 -12.74 -9.96
C PRO A 160 12.48 -12.52 -10.21
N ILE A 161 12.13 -12.12 -11.44
CA ILE A 161 10.74 -11.80 -11.78
C ILE A 161 9.97 -12.95 -12.43
N ALA A 162 10.66 -13.76 -13.23
CA ALA A 162 10.02 -14.85 -13.96
C ALA A 162 10.97 -16.00 -14.27
N ALA A 163 10.40 -17.17 -14.52
CA ALA A 163 11.19 -18.35 -14.87
C ALA A 163 10.58 -19.13 -16.05
N ILE A 164 11.43 -19.64 -16.92
CA ILE A 164 10.97 -20.41 -18.06
C ILE A 164 11.53 -21.83 -18.01
N VAL A 165 10.71 -22.78 -17.54
CA VAL A 165 11.11 -24.17 -17.42
C VAL A 165 11.13 -24.88 -18.78
N ASP A 166 12.30 -25.41 -19.15
CA ASP A 166 12.45 -26.22 -20.37
C ASP A 166 11.96 -25.54 -21.64
N GLU A 167 12.00 -24.20 -21.65
CA GLU A 167 11.57 -23.42 -22.82
C GLU A 167 10.09 -23.63 -23.19
N LYS A 168 9.35 -24.32 -22.33
CA LYS A 168 7.93 -24.59 -22.57
C LYS A 168 6.99 -23.94 -21.56
N ILE A 169 7.32 -24.05 -20.26
CA ILE A 169 6.52 -23.41 -19.22
C ILE A 169 7.06 -22.04 -18.82
N PHE A 170 6.19 -21.05 -18.82
CA PHE A 170 6.55 -19.69 -18.42
C PHE A 170 5.90 -19.37 -17.08
N CYS A 171 6.71 -18.95 -16.12
CA CYS A 171 6.25 -18.78 -14.74
C CYS A 171 6.46 -17.38 -14.17
N CYS A 172 5.44 -16.87 -13.47
CA CYS A 172 5.55 -15.62 -12.75
C CYS A 172 4.39 -15.52 -11.77
N HIS A 173 4.47 -14.61 -10.82
CA HIS A 173 3.48 -14.54 -9.75
C HIS A 173 2.09 -14.14 -10.25
N GLY A 174 2.02 -13.04 -11.00
CA GLY A 174 0.74 -12.52 -11.44
C GLY A 174 0.27 -13.02 -12.79
N GLY A 175 0.87 -12.48 -13.85
CA GLY A 175 0.52 -12.90 -15.20
C GLY A 175 1.17 -12.05 -16.28
N LEU A 176 0.50 -11.98 -17.43
CA LEU A 176 1.05 -11.30 -18.60
C LEU A 176 0.83 -9.80 -18.54
N SER A 177 1.44 -9.08 -19.47
CA SER A 177 1.33 -7.63 -19.53
C SER A 177 1.21 -7.16 -20.98
N PRO A 178 0.40 -6.11 -21.20
CA PRO A 178 0.30 -5.44 -22.50
C PRO A 178 1.67 -4.99 -23.03
N ASP A 179 2.64 -4.85 -22.14
CA ASP A 179 3.97 -4.36 -22.50
C ASP A 179 4.98 -5.50 -22.72
N LEU A 180 4.63 -6.70 -22.28
CA LEU A 180 5.51 -7.85 -22.45
C LEU A 180 5.36 -8.43 -23.86
N GLN A 181 6.16 -7.92 -24.79
CA GLN A 181 6.14 -8.42 -26.16
C GLN A 181 7.44 -9.13 -26.47
N SER A 182 8.54 -8.57 -25.96
CA SER A 182 9.86 -9.14 -26.15
C SER A 182 10.36 -9.77 -24.86
N MET A 183 10.74 -11.04 -24.94
CA MET A 183 11.27 -11.75 -23.77
C MET A 183 12.54 -11.11 -23.24
N GLU A 184 13.07 -10.15 -23.99
CA GLU A 184 14.25 -9.43 -23.55
C GLU A 184 13.88 -8.27 -22.65
N GLN A 185 12.66 -7.75 -22.79
CA GLN A 185 12.23 -6.62 -21.97
C GLN A 185 12.33 -6.98 -20.49
N ILE A 186 12.18 -8.26 -20.20
CA ILE A 186 12.30 -8.76 -18.83
C ILE A 186 13.76 -8.74 -18.42
N ARG A 187 14.64 -9.25 -19.29
CA ARG A 187 16.07 -9.29 -19.00
C ARG A 187 16.70 -7.90 -18.89
N ARG A 188 16.06 -6.90 -19.49
CA ARG A 188 16.60 -5.53 -19.48
C ARG A 188 16.32 -4.84 -18.15
N ILE A 189 15.43 -5.42 -17.35
CA ILE A 189 15.05 -4.86 -16.06
C ILE A 189 16.24 -4.86 -15.10
N MET A 190 16.57 -3.68 -14.60
CA MET A 190 17.73 -3.53 -13.74
C MET A 190 17.37 -3.70 -12.26
N ARG A 191 18.19 -4.46 -11.55
CA ARG A 191 18.02 -4.62 -10.10
C ARG A 191 19.18 -3.94 -9.39
N PRO A 192 18.96 -3.50 -8.13
CA PRO A 192 17.73 -3.63 -7.36
C PRO A 192 16.66 -2.64 -7.81
N THR A 193 15.40 -2.97 -7.60
CA THR A 193 14.30 -2.12 -8.06
C THR A 193 13.03 -2.30 -7.24
N ASP A 194 12.28 -1.20 -7.09
CA ASP A 194 11.00 -1.23 -6.42
C ASP A 194 9.97 -1.76 -7.42
N VAL A 195 8.80 -2.16 -6.92
CA VAL A 195 7.70 -2.55 -7.78
C VAL A 195 6.80 -1.35 -8.04
N PRO A 196 6.80 -0.87 -9.29
CA PRO A 196 6.08 0.32 -9.76
C PRO A 196 4.56 0.20 -9.68
N ASP A 197 3.87 1.28 -10.07
CA ASP A 197 2.41 1.29 -10.13
C ASP A 197 1.93 0.81 -11.50
N GLN A 198 2.67 1.19 -12.54
CA GLN A 198 2.31 0.82 -13.89
C GLN A 198 3.47 0.09 -14.54
N GLY A 199 3.34 -0.21 -15.83
CA GLY A 199 4.44 -0.76 -16.58
C GLY A 199 4.59 -2.27 -16.50
N LEU A 200 5.56 -2.79 -17.23
CA LEU A 200 5.78 -4.22 -17.33
C LEU A 200 5.95 -4.91 -15.99
N LEU A 201 6.95 -4.47 -15.23
CA LEU A 201 7.29 -5.14 -13.98
C LEU A 201 6.08 -5.30 -13.07
N CYS A 202 5.38 -4.20 -12.83
CA CYS A 202 4.16 -4.24 -12.06
C CYS A 202 3.22 -5.35 -12.55
N ASP A 203 2.81 -5.28 -13.82
CA ASP A 203 1.84 -6.22 -14.37
C ASP A 203 2.24 -7.67 -14.15
N LEU A 204 3.54 -7.95 -14.25
CA LEU A 204 4.07 -9.30 -14.06
C LEU A 204 3.77 -9.90 -12.69
N LEU A 205 3.50 -9.01 -11.72
CA LEU A 205 3.25 -9.43 -10.35
C LEU A 205 1.82 -9.19 -9.91
N TRP A 206 1.05 -8.46 -10.72
CA TRP A 206 -0.28 -8.08 -10.29
C TRP A 206 -1.42 -8.66 -11.13
N SER A 207 -1.20 -8.76 -12.45
CA SER A 207 -2.25 -9.12 -13.40
C SER A 207 -2.99 -10.42 -13.08
N ASP A 208 -4.18 -10.57 -13.65
CA ASP A 208 -5.02 -11.75 -13.42
C ASP A 208 -5.66 -12.27 -14.70
N PRO A 209 -5.97 -13.58 -14.71
CA PRO A 209 -6.84 -14.16 -15.74
C PRO A 209 -8.29 -13.80 -15.45
N ASP A 210 -9.11 -13.71 -16.49
CA ASP A 210 -10.54 -13.46 -16.33
C ASP A 210 -11.32 -14.08 -17.49
N LYS A 211 -12.20 -15.04 -17.17
CA LYS A 211 -13.03 -15.69 -18.17
C LYS A 211 -13.87 -14.69 -18.94
N ASP A 212 -14.48 -13.77 -18.21
CA ASP A 212 -15.43 -12.81 -18.78
C ASP A 212 -14.76 -11.70 -19.57
N VAL A 213 -13.44 -11.54 -19.43
CA VAL A 213 -12.74 -10.46 -20.11
C VAL A 213 -12.31 -10.86 -21.51
N GLN A 214 -12.41 -9.92 -22.44
CA GLN A 214 -11.89 -10.12 -23.79
C GLN A 214 -10.82 -9.09 -24.10
N GLY A 215 -9.57 -9.54 -24.13
CA GLY A 215 -8.45 -8.66 -24.35
C GLY A 215 -7.81 -8.23 -23.05
N TRP A 216 -7.72 -6.92 -22.82
CA TRP A 216 -7.16 -6.39 -21.58
C TRP A 216 -8.19 -5.53 -20.84
N GLY A 217 -8.70 -6.03 -19.73
CA GLY A 217 -9.67 -5.30 -18.93
C GLY A 217 -9.09 -4.74 -17.63
N GLU A 218 -9.89 -3.92 -16.94
CA GLU A 218 -9.48 -3.34 -15.66
C GLU A 218 -9.38 -4.40 -14.58
N ASN A 219 -8.40 -4.25 -13.70
CA ASN A 219 -8.22 -5.20 -12.59
C ASN A 219 -8.92 -4.72 -11.32
N ASP A 220 -9.76 -5.58 -10.76
CA ASP A 220 -10.51 -5.26 -9.56
C ASP A 220 -9.59 -4.91 -8.39
N ARG A 221 -8.31 -5.22 -8.52
CA ARG A 221 -7.36 -4.92 -7.45
C ARG A 221 -7.04 -3.44 -7.37
N GLY A 222 -7.30 -2.71 -8.43
CA GLY A 222 -7.00 -1.30 -8.46
C GLY A 222 -5.60 -1.05 -8.97
N VAL A 223 -4.95 -2.11 -9.46
CA VAL A 223 -3.62 -1.98 -10.03
C VAL A 223 -3.45 -3.01 -11.15
N SER A 224 -2.67 -2.65 -12.17
CA SER A 224 -2.46 -3.53 -13.34
C SER A 224 -3.77 -3.87 -14.07
N PHE A 225 -3.73 -4.91 -14.89
CA PHE A 225 -4.88 -5.26 -15.72
C PHE A 225 -5.39 -6.67 -15.43
N THR A 226 -6.39 -7.07 -16.21
CA THR A 226 -6.82 -8.47 -16.31
C THR A 226 -6.74 -8.84 -17.78
N PHE A 227 -6.40 -10.09 -18.07
CA PHE A 227 -6.30 -10.56 -19.45
C PHE A 227 -7.24 -11.75 -19.66
N GLY A 228 -7.60 -12.01 -20.92
CA GLY A 228 -8.52 -13.07 -21.26
C GLY A 228 -7.83 -14.26 -21.91
N ALA A 229 -8.61 -15.29 -22.25
CA ALA A 229 -8.06 -16.53 -22.78
C ALA A 229 -7.42 -16.36 -24.16
N GLU A 230 -7.81 -15.32 -24.87
CA GLU A 230 -7.22 -15.02 -26.17
C GLU A 230 -5.78 -14.59 -25.99
N VAL A 231 -5.55 -13.68 -25.04
CA VAL A 231 -4.22 -13.15 -24.77
C VAL A 231 -3.23 -14.27 -24.44
N VAL A 232 -3.71 -15.24 -23.65
CA VAL A 232 -2.92 -16.41 -23.28
C VAL A 232 -2.44 -17.17 -24.50
N ALA A 233 -3.39 -17.61 -25.33
CA ALA A 233 -3.08 -18.41 -26.51
C ALA A 233 -2.17 -17.66 -27.48
N LYS A 234 -2.51 -16.40 -27.73
CA LYS A 234 -1.75 -15.59 -28.68
C LYS A 234 -0.31 -15.36 -28.20
N PHE A 235 -0.10 -15.53 -26.90
CA PHE A 235 1.20 -15.36 -26.28
C PHE A 235 2.00 -16.67 -26.27
N LEU A 236 1.35 -17.75 -25.84
CA LEU A 236 1.96 -19.07 -25.86
C LEU A 236 2.38 -19.45 -27.28
N HIS A 237 1.78 -18.80 -28.27
CA HIS A 237 2.04 -19.11 -29.67
C HIS A 237 3.14 -18.22 -30.25
N LYS A 238 3.29 -17.03 -29.69
CA LYS A 238 4.29 -16.08 -30.17
C LYS A 238 5.68 -16.44 -29.65
N HIS A 239 5.73 -17.28 -28.62
CA HIS A 239 7.00 -17.62 -27.98
C HIS A 239 7.21 -19.13 -27.89
N ASP A 240 6.34 -19.87 -28.56
CA ASP A 240 6.42 -21.33 -28.52
C ASP A 240 6.50 -21.84 -27.10
N LEU A 241 5.51 -21.49 -26.30
CA LEU A 241 5.36 -22.01 -24.94
C LEU A 241 4.08 -22.81 -24.87
N ASP A 242 4.02 -23.78 -23.97
CA ASP A 242 2.86 -24.66 -23.87
C ASP A 242 2.07 -24.47 -22.59
N LEU A 243 2.61 -23.70 -21.66
CA LEU A 243 1.96 -23.48 -20.37
C LEU A 243 2.36 -22.17 -19.69
N ILE A 244 1.44 -21.62 -18.93
CA ILE A 244 1.72 -20.47 -18.07
C ILE A 244 1.38 -20.84 -16.63
N CYS A 245 2.39 -20.80 -15.76
CA CYS A 245 2.17 -21.14 -14.36
C CYS A 245 2.35 -19.94 -13.45
N ARG A 246 1.30 -19.61 -12.70
CA ARG A 246 1.28 -18.45 -11.84
C ARG A 246 0.43 -18.69 -10.58
N ALA A 247 0.52 -17.78 -9.62
CA ALA A 247 -0.21 -17.91 -8.35
C ALA A 247 -1.10 -16.69 -8.14
N HIS A 248 -0.85 -15.94 -7.07
CA HIS A 248 -1.46 -14.63 -6.88
C HIS A 248 -2.94 -14.66 -6.46
N GLN A 249 -3.65 -15.74 -6.84
CA GLN A 249 -5.08 -15.84 -6.59
C GLN A 249 -5.45 -17.14 -5.89
N VAL A 250 -6.27 -17.03 -4.84
CA VAL A 250 -6.75 -18.21 -4.12
C VAL A 250 -7.64 -19.06 -5.02
N VAL A 251 -7.45 -20.37 -4.97
CA VAL A 251 -8.32 -21.27 -5.72
C VAL A 251 -8.76 -22.41 -4.81
N GLU A 252 -10.00 -22.87 -4.98
CA GLU A 252 -10.59 -23.84 -4.07
C GLU A 252 -9.76 -25.12 -3.93
N ASP A 253 -9.28 -25.65 -5.05
CA ASP A 253 -8.58 -26.94 -5.03
C ASP A 253 -7.05 -26.85 -4.90
N GLY A 254 -6.51 -25.64 -4.99
CA GLY A 254 -5.08 -25.47 -4.92
C GLY A 254 -4.49 -25.24 -6.30
N TYR A 255 -5.05 -25.93 -7.29
CA TYR A 255 -4.71 -25.65 -8.68
C TYR A 255 -6.01 -25.39 -9.44
N GLU A 256 -5.93 -24.55 -10.46
CA GLU A 256 -7.10 -24.24 -11.25
C GLU A 256 -6.66 -23.87 -12.65
N PHE A 257 -7.37 -24.40 -13.64
CA PHE A 257 -7.03 -24.19 -15.04
C PHE A 257 -7.75 -22.99 -15.64
N PHE A 258 -7.14 -22.40 -16.66
CA PHE A 258 -7.74 -21.28 -17.36
C PHE A 258 -7.27 -21.33 -18.81
N ALA A 259 -8.06 -20.72 -19.71
CA ALA A 259 -7.76 -20.79 -21.13
C ALA A 259 -7.67 -22.26 -21.55
N LYS A 260 -8.49 -23.09 -20.91
CA LYS A 260 -8.54 -24.51 -21.22
C LYS A 260 -7.18 -25.15 -21.05
N ARG A 261 -6.70 -25.16 -19.81
CA ARG A 261 -5.42 -25.78 -19.45
C ARG A 261 -4.20 -25.14 -20.11
N GLN A 262 -4.42 -24.04 -20.81
CA GLN A 262 -3.30 -23.29 -21.41
C GLN A 262 -2.59 -22.48 -20.34
N LEU A 263 -3.19 -22.43 -19.15
CA LEU A 263 -2.65 -21.71 -18.00
C LEU A 263 -3.18 -22.36 -16.73
N VAL A 264 -2.34 -22.41 -15.70
CA VAL A 264 -2.77 -22.94 -14.42
C VAL A 264 -2.44 -21.96 -13.30
N THR A 265 -3.28 -21.94 -12.27
CA THR A 265 -3.04 -21.10 -11.10
C THR A 265 -2.74 -21.98 -9.89
N LEU A 266 -1.62 -21.70 -9.24
CA LEU A 266 -1.19 -22.48 -8.08
C LEU A 266 -1.25 -21.67 -6.79
N PHE A 267 -1.87 -22.24 -5.77
CA PHE A 267 -1.95 -21.60 -4.46
C PHE A 267 -1.62 -22.62 -3.39
N SER A 268 -0.54 -22.38 -2.65
CA SER A 268 0.04 -23.39 -1.79
C SER A 268 -0.35 -23.27 -0.31
N ALA A 269 -1.08 -22.20 0.02
CA ALA A 269 -1.50 -21.97 1.41
C ALA A 269 -2.95 -22.35 1.66
N PRO A 270 -3.16 -23.52 2.29
CA PRO A 270 -4.50 -23.95 2.70
C PRO A 270 -5.14 -22.94 3.65
N ASN A 271 -6.45 -22.73 3.53
CA ASN A 271 -7.16 -21.78 4.37
C ASN A 271 -6.48 -20.42 4.41
N TYR A 272 -6.38 -19.79 3.24
CA TYR A 272 -5.62 -18.56 3.04
C TYR A 272 -5.59 -17.62 4.25
N CYS A 273 -6.69 -17.58 5.00
CA CYS A 273 -6.76 -16.78 6.21
C CYS A 273 -7.70 -17.43 7.22
N GLY A 274 -7.95 -18.72 7.02
CA GLY A 274 -8.97 -19.42 7.78
C GLY A 274 -10.33 -18.98 7.28
N GLU A 275 -10.34 -18.35 6.12
CA GLU A 275 -11.58 -17.85 5.54
C GLU A 275 -11.86 -18.50 4.19
N PHE A 276 -11.33 -19.69 3.98
CA PHE A 276 -11.47 -20.29 2.67
C PHE A 276 -11.72 -21.80 2.64
N ASP A 277 -11.12 -22.51 3.58
CA ASP A 277 -11.28 -23.97 3.62
C ASP A 277 -10.78 -24.57 2.31
N ASN A 278 -9.99 -23.80 1.57
CA ASN A 278 -9.42 -24.26 0.32
C ASN A 278 -8.20 -25.14 0.56
N ALA A 279 -7.86 -25.97 -0.41
CA ALA A 279 -6.68 -26.81 -0.31
C ALA A 279 -5.49 -26.12 -0.94
N GLY A 280 -4.30 -26.64 -0.66
CA GLY A 280 -3.08 -26.11 -1.24
C GLY A 280 -2.53 -27.09 -2.25
N ALA A 281 -1.93 -26.56 -3.31
CA ALA A 281 -1.43 -27.42 -4.37
C ALA A 281 0.03 -27.15 -4.68
N MET A 282 0.64 -28.11 -5.36
CA MET A 282 2.03 -28.02 -5.75
C MET A 282 2.18 -28.86 -7.00
N MET A 283 2.87 -28.34 -8.01
CA MET A 283 2.90 -28.99 -9.31
C MET A 283 4.17 -29.78 -9.56
N SER A 284 4.07 -31.10 -9.49
CA SER A 284 5.19 -31.97 -9.80
C SER A 284 5.41 -32.04 -11.31
N VAL A 285 6.64 -31.80 -11.74
CA VAL A 285 6.96 -31.80 -13.16
C VAL A 285 8.17 -32.70 -13.43
N ASP A 286 7.92 -33.92 -13.87
CA ASP A 286 9.02 -34.84 -14.19
C ASP A 286 9.73 -34.44 -15.50
N GLU A 287 10.87 -35.07 -15.79
CA GLU A 287 11.71 -34.64 -16.90
C GLU A 287 10.98 -34.62 -18.25
N THR A 288 9.88 -35.38 -18.33
CA THR A 288 9.14 -35.52 -19.58
C THR A 288 8.10 -34.41 -19.76
N LEU A 289 7.98 -33.55 -18.76
CA LEU A 289 6.95 -32.52 -18.71
C LEU A 289 5.56 -33.12 -18.46
N MET A 290 5.53 -34.16 -17.63
CA MET A 290 4.28 -34.75 -17.19
C MET A 290 3.95 -34.16 -15.82
N CYS A 291 3.01 -33.23 -15.80
CA CYS A 291 2.72 -32.46 -14.60
C CYS A 291 1.60 -33.09 -13.75
N SER A 292 1.86 -33.22 -12.46
CA SER A 292 0.87 -33.74 -11.52
C SER A 292 0.69 -32.75 -10.38
N PHE A 293 -0.42 -32.86 -9.65
CA PHE A 293 -0.73 -31.88 -8.61
C PHE A 293 -0.89 -32.50 -7.22
N GLN A 294 0.21 -32.54 -6.46
CA GLN A 294 0.15 -32.99 -5.08
C GLN A 294 -0.62 -31.97 -4.24
N ILE A 295 -1.62 -32.45 -3.51
CA ILE A 295 -2.52 -31.55 -2.77
C ILE A 295 -2.38 -31.65 -1.25
N LEU A 296 -2.35 -30.50 -0.60
CA LEU A 296 -2.31 -30.42 0.85
C LEU A 296 -3.69 -30.01 1.34
N LYS A 297 -4.52 -31.01 1.65
CA LYS A 297 -5.88 -30.75 2.12
C LYS A 297 -5.82 -29.89 3.39
N PRO A 298 -6.90 -29.16 3.69
CA PRO A 298 -6.96 -28.23 4.81
C PRO A 298 -7.09 -28.93 6.15
N ALA A 299 -8.29 -28.88 6.69
CA ALA A 299 -8.62 -29.53 7.97
C ALA A 299 -10.11 -29.40 8.25
N ASP A 300 -10.78 -30.54 8.46
CA ASP A 300 -12.20 -30.56 8.76
C ASP A 300 -12.47 -31.05 10.18
N LEU B 7 -21.44 22.62 -15.46
CA LEU B 7 -21.39 22.09 -14.10
C LEU B 7 -22.35 22.82 -13.17
N ASN B 8 -23.40 22.13 -12.73
CA ASN B 8 -24.38 22.75 -11.84
C ASN B 8 -23.94 22.69 -10.37
N LEU B 9 -22.99 23.56 -10.02
CA LEU B 9 -22.37 23.55 -8.70
C LEU B 9 -23.39 23.69 -7.56
N ASP B 10 -24.25 24.69 -7.66
CA ASP B 10 -25.23 24.93 -6.61
C ASP B 10 -26.14 23.71 -6.36
N SER B 11 -26.59 23.07 -7.44
CA SER B 11 -27.43 21.89 -7.31
C SER B 11 -26.74 20.80 -6.52
N ILE B 12 -25.48 20.57 -6.87
CA ILE B 12 -24.63 19.58 -6.22
C ILE B 12 -24.53 19.85 -4.72
N ILE B 13 -24.05 21.05 -4.38
CA ILE B 13 -23.97 21.44 -2.98
C ILE B 13 -25.31 21.26 -2.27
N GLY B 14 -26.39 21.55 -3.00
CA GLY B 14 -27.72 21.46 -2.45
C GLY B 14 -28.10 20.05 -2.04
N ARG B 15 -27.92 19.10 -2.96
CA ARG B 15 -28.24 17.71 -2.67
C ARG B 15 -27.35 17.17 -1.57
N LEU B 16 -26.14 17.70 -1.48
CA LEU B 16 -25.18 17.28 -0.47
C LEU B 16 -25.58 17.73 0.94
N LEU B 17 -25.84 19.03 1.09
CA LEU B 17 -26.21 19.60 2.38
C LEU B 17 -27.59 19.14 2.83
N GLU B 18 -28.36 18.59 1.88
CA GLU B 18 -29.74 18.22 2.13
C GLU B 18 -29.91 17.20 3.25
N VAL B 19 -29.00 16.24 3.35
CA VAL B 19 -29.11 15.20 4.38
C VAL B 19 -28.72 15.69 5.77
N GLN B 20 -28.49 16.99 5.90
CA GLN B 20 -28.05 17.59 7.16
C GLN B 20 -28.98 17.23 8.32
N GLY B 21 -28.52 16.31 9.17
CA GLY B 21 -29.31 15.85 10.30
C GLY B 21 -30.49 15.00 9.88
N SER B 22 -30.21 13.81 9.36
CA SER B 22 -31.26 12.95 8.86
C SER B 22 -30.88 11.50 9.04
N ARG B 23 -30.60 11.12 10.28
CA ARG B 23 -30.12 9.77 10.60
C ARG B 23 -28.64 9.67 10.20
N PRO B 24 -27.85 8.88 10.95
CA PRO B 24 -26.42 8.70 10.68
C PRO B 24 -26.15 7.82 9.45
N GLY B 25 -25.48 8.36 8.44
CA GLY B 25 -25.08 7.59 7.27
C GLY B 25 -26.12 7.49 6.16
N LYS B 26 -26.82 8.59 5.89
CA LYS B 26 -27.71 8.64 4.74
C LYS B 26 -26.92 9.10 3.53
N ASN B 27 -26.72 8.20 2.58
CA ASN B 27 -25.92 8.47 1.40
C ASN B 27 -26.48 9.60 0.51
N VAL B 28 -25.59 10.25 -0.24
CA VAL B 28 -25.97 11.20 -1.28
C VAL B 28 -25.28 10.82 -2.59
N GLN B 29 -26.04 10.33 -3.55
CA GLN B 29 -25.47 9.74 -4.76
C GLN B 29 -25.53 10.68 -5.96
N LEU B 30 -24.44 11.40 -6.18
CA LEU B 30 -24.34 12.25 -7.35
C LEU B 30 -24.12 11.39 -8.59
N THR B 31 -24.16 11.99 -9.78
CA THR B 31 -23.82 11.24 -10.98
C THR B 31 -22.31 11.26 -11.14
N GLU B 32 -21.75 10.19 -11.68
CA GLU B 32 -20.31 10.12 -11.85
C GLU B 32 -19.85 11.28 -12.72
N ASN B 33 -20.74 11.81 -13.56
CA ASN B 33 -20.38 12.95 -14.37
C ASN B 33 -20.27 14.23 -13.57
N GLU B 34 -21.13 14.36 -12.57
CA GLU B 34 -21.05 15.51 -11.67
C GLU B 34 -19.74 15.47 -10.91
N ILE B 35 -19.38 14.28 -10.42
CA ILE B 35 -18.16 14.13 -9.63
C ILE B 35 -16.90 14.42 -10.46
N ARG B 36 -16.85 13.97 -11.71
CA ARG B 36 -15.72 14.30 -12.57
C ARG B 36 -15.59 15.80 -12.70
N GLY B 37 -16.73 16.48 -12.76
CA GLY B 37 -16.75 17.93 -12.87
C GLY B 37 -16.04 18.53 -11.68
N LEU B 38 -16.47 18.11 -10.50
CA LEU B 38 -15.85 18.54 -9.25
C LEU B 38 -14.34 18.30 -9.28
N CYS B 39 -13.93 17.15 -9.78
CA CYS B 39 -12.51 16.79 -9.80
C CYS B 39 -11.71 17.63 -10.77
N LEU B 40 -12.22 17.77 -11.99
CA LEU B 40 -11.46 18.45 -13.05
C LEU B 40 -11.41 19.96 -12.86
N LYS B 41 -12.56 20.55 -12.50
CA LYS B 41 -12.64 22.00 -12.35
C LYS B 41 -11.99 22.49 -11.07
N SER B 42 -11.80 21.58 -10.11
CA SER B 42 -11.06 21.93 -8.92
C SER B 42 -9.57 21.69 -9.16
N ARG B 43 -9.27 20.58 -9.84
CA ARG B 43 -7.90 20.28 -10.24
C ARG B 43 -7.29 21.49 -10.95
N GLU B 44 -8.09 22.14 -11.80
CA GLU B 44 -7.68 23.38 -12.45
C GLU B 44 -7.25 24.40 -11.40
N ILE B 45 -8.15 24.69 -10.47
CA ILE B 45 -7.90 25.66 -9.41
C ILE B 45 -6.63 25.36 -8.62
N PHE B 46 -6.43 24.09 -8.26
CA PHE B 46 -5.29 23.70 -7.45
C PHE B 46 -3.97 24.05 -8.11
N LEU B 47 -3.92 23.88 -9.43
CA LEU B 47 -2.72 24.14 -10.20
C LEU B 47 -2.44 25.63 -10.36
N SER B 48 -3.47 26.39 -10.73
CA SER B 48 -3.31 27.83 -10.90
C SER B 48 -2.94 28.51 -9.57
N GLN B 49 -3.21 27.84 -8.46
CA GLN B 49 -2.83 28.32 -7.14
C GLN B 49 -1.47 27.72 -6.73
N PRO B 50 -0.73 28.42 -5.85
CA PRO B 50 0.61 27.97 -5.46
C PRO B 50 0.57 26.66 -4.65
N ILE B 51 1.60 25.84 -4.82
CA ILE B 51 1.71 24.60 -4.05
C ILE B 51 1.94 24.91 -2.56
N LEU B 52 2.53 26.07 -2.28
CA LEU B 52 2.68 26.54 -0.91
C LEU B 52 1.84 27.79 -0.72
N LEU B 53 0.64 27.61 -0.18
CA LEU B 53 -0.32 28.70 -0.02
C LEU B 53 0.16 29.76 0.97
N GLU B 54 -0.43 30.95 0.86
CA GLU B 54 -0.16 32.02 1.81
C GLU B 54 -1.47 32.70 2.17
N LEU B 55 -2.07 32.25 3.27
CA LEU B 55 -3.38 32.73 3.69
C LEU B 55 -3.28 33.83 4.74
N GLU B 56 -4.44 34.33 5.17
CA GLU B 56 -4.50 35.35 6.21
C GLU B 56 -5.72 35.14 7.08
N ALA B 57 -5.55 35.37 8.38
CA ALA B 57 -6.65 35.30 9.32
C ALA B 57 -7.71 36.36 8.95
N PRO B 58 -8.97 36.13 9.38
CA PRO B 58 -9.40 34.99 10.18
C PRO B 58 -9.63 33.75 9.32
N LEU B 59 -9.55 32.57 9.94
CA LEU B 59 -9.91 31.33 9.29
C LEU B 59 -9.96 30.19 10.29
N LYS B 60 -10.84 29.23 10.05
CA LYS B 60 -10.90 28.03 10.87
C LYS B 60 -9.99 26.99 10.23
N ILE B 61 -9.33 26.18 11.06
CA ILE B 61 -8.46 25.13 10.55
C ILE B 61 -8.94 23.77 11.04
N CYS B 62 -8.81 22.77 10.18
CA CYS B 62 -9.27 21.42 10.50
C CYS B 62 -8.26 20.35 10.10
N GLY B 63 -8.31 19.23 10.82
CA GLY B 63 -7.40 18.13 10.56
C GLY B 63 -8.03 17.02 9.77
N ASP B 64 -7.82 15.79 10.22
CA ASP B 64 -8.34 14.63 9.53
C ASP B 64 -9.86 14.55 9.65
N ILE B 65 -10.52 14.25 8.53
CA ILE B 65 -11.96 14.02 8.51
C ILE B 65 -12.26 12.55 8.26
N HIS B 66 -11.39 11.91 7.48
CA HIS B 66 -11.46 10.48 7.21
C HIS B 66 -12.88 9.93 7.05
N GLY B 67 -13.59 10.46 6.06
CA GLY B 67 -14.86 9.91 5.62
C GLY B 67 -16.06 10.07 6.53
N GLN B 68 -15.85 10.60 7.73
CA GLN B 68 -16.96 10.78 8.66
C GLN B 68 -17.73 12.04 8.29
N TYR B 69 -18.66 11.87 7.36
CA TYR B 69 -19.33 12.98 6.70
C TYR B 69 -20.24 13.78 7.63
N TYR B 70 -20.98 13.07 8.48
CA TYR B 70 -21.93 13.74 9.37
C TYR B 70 -21.21 14.56 10.43
N ASP B 71 -19.97 14.18 10.72
CA ASP B 71 -19.14 14.95 11.63
C ASP B 71 -18.54 16.16 10.93
N LEU B 72 -18.37 16.06 9.61
CA LEU B 72 -17.96 17.21 8.80
C LEU B 72 -19.08 18.23 8.72
N LEU B 73 -20.31 17.73 8.73
CA LEU B 73 -21.48 18.62 8.76
C LEU B 73 -21.52 19.39 10.07
N ARG B 74 -21.51 18.66 11.18
CA ARG B 74 -21.48 19.28 12.51
C ARG B 74 -20.34 20.29 12.59
N LEU B 75 -19.26 19.98 11.88
CA LEU B 75 -18.07 20.82 11.89
C LEU B 75 -18.33 22.17 11.24
N PHE B 76 -19.12 22.18 10.18
CA PHE B 76 -19.54 23.43 9.54
C PHE B 76 -20.68 24.05 10.35
N GLU B 77 -21.55 23.18 10.86
CA GLU B 77 -22.70 23.60 11.65
C GLU B 77 -22.26 24.36 12.89
N TYR B 78 -21.00 24.17 13.27
CA TYR B 78 -20.45 24.71 14.50
C TYR B 78 -19.61 25.95 14.23
N GLY B 79 -18.82 25.92 13.16
CA GLY B 79 -17.93 27.01 12.83
C GLY B 79 -18.47 27.89 11.71
N GLY B 80 -19.55 27.43 11.08
CA GLY B 80 -20.20 28.20 10.02
C GLY B 80 -19.90 27.73 8.60
N PHE B 81 -20.94 27.43 7.84
CA PHE B 81 -20.80 27.03 6.44
C PHE B 81 -20.27 28.19 5.62
N PRO B 82 -19.46 27.90 4.59
CA PRO B 82 -18.89 28.96 3.74
C PRO B 82 -19.94 29.77 2.98
N PRO B 83 -19.62 31.02 2.64
CA PRO B 83 -18.34 31.67 2.96
C PRO B 83 -18.35 32.39 4.30
N GLU B 84 -19.28 32.05 5.19
CA GLU B 84 -19.35 32.67 6.52
C GLU B 84 -17.96 32.66 7.16
N SER B 85 -17.30 31.51 7.13
CA SER B 85 -15.95 31.36 7.67
C SER B 85 -14.97 30.94 6.57
N ASN B 86 -13.74 31.45 6.64
CA ASN B 86 -12.68 30.94 5.79
C ASN B 86 -12.16 29.62 6.36
N TYR B 87 -11.70 28.73 5.48
CA TYR B 87 -11.30 27.41 5.93
C TYR B 87 -9.97 26.92 5.34
N LEU B 88 -9.19 26.28 6.19
CA LEU B 88 -8.03 25.51 5.76
C LEU B 88 -8.16 24.09 6.30
N PHE B 89 -8.15 23.10 5.41
CA PHE B 89 -8.17 21.69 5.82
C PHE B 89 -6.81 21.05 5.60
N LEU B 90 -6.40 20.22 6.56
CA LEU B 90 -5.05 19.70 6.58
C LEU B 90 -4.90 18.30 5.96
N GLY B 91 -5.82 17.92 5.09
CA GLY B 91 -5.72 16.65 4.40
C GLY B 91 -6.39 15.50 5.14
N ASP B 92 -6.15 14.28 4.65
CA ASP B 92 -6.83 13.08 5.12
C ASP B 92 -8.35 13.20 5.11
N TYR B 93 -8.91 13.31 3.90
CA TYR B 93 -10.34 13.52 3.73
C TYR B 93 -11.11 12.22 3.58
N VAL B 94 -10.48 11.25 2.92
CA VAL B 94 -11.11 9.98 2.63
C VAL B 94 -10.47 8.84 3.41
N ASP B 95 -11.00 7.62 3.24
CA ASP B 95 -10.48 6.42 3.90
C ASP B 95 -11.00 6.23 5.32
N ARG B 96 -11.19 4.96 5.68
CA ARG B 96 -11.63 4.54 7.00
C ARG B 96 -13.08 4.91 7.37
N GLY B 97 -13.44 6.18 7.22
CA GLY B 97 -14.81 6.60 7.44
C GLY B 97 -15.81 5.81 6.59
N LYS B 98 -17.10 6.07 6.82
CA LYS B 98 -18.17 5.40 6.08
C LYS B 98 -18.47 6.09 4.75
N GLN B 99 -18.37 7.41 4.73
CA GLN B 99 -18.79 8.21 3.60
C GLN B 99 -17.69 9.12 3.06
N SER B 100 -16.66 8.54 2.46
CA SER B 100 -15.59 9.33 1.88
C SER B 100 -16.10 10.13 0.69
N LEU B 101 -16.98 9.51 -0.10
CA LEU B 101 -17.51 10.13 -1.30
C LEU B 101 -18.21 11.47 -1.05
N GLU B 102 -19.17 11.47 -0.12
CA GLU B 102 -19.84 12.72 0.24
C GLU B 102 -18.82 13.74 0.75
N THR B 103 -17.93 13.28 1.62
CA THR B 103 -16.94 14.16 2.24
C THR B 103 -16.09 14.89 1.20
N ILE B 104 -15.41 14.13 0.37
CA ILE B 104 -14.49 14.73 -0.60
C ILE B 104 -15.24 15.57 -1.63
N CYS B 105 -16.49 15.23 -1.87
CA CYS B 105 -17.28 15.96 -2.84
C CYS B 105 -17.68 17.34 -2.32
N LEU B 106 -18.21 17.37 -1.12
CA LEU B 106 -18.60 18.62 -0.47
C LEU B 106 -17.41 19.55 -0.39
N LEU B 107 -16.23 18.98 -0.14
CA LEU B 107 -15.01 19.77 0.01
C LEU B 107 -14.51 20.31 -1.34
N LEU B 108 -14.47 19.44 -2.35
CA LEU B 108 -14.07 19.86 -3.70
C LEU B 108 -15.05 20.86 -4.28
N ALA B 109 -16.31 20.79 -3.83
CA ALA B 109 -17.35 21.70 -4.27
C ALA B 109 -17.11 23.10 -3.74
N TYR B 110 -16.91 23.21 -2.42
CA TYR B 110 -16.65 24.50 -1.79
C TYR B 110 -15.35 25.11 -2.28
N LYS B 111 -14.40 24.26 -2.66
CA LYS B 111 -13.14 24.76 -3.20
C LYS B 111 -13.38 25.45 -4.54
N ILE B 112 -14.42 25.00 -5.25
CA ILE B 112 -14.75 25.58 -6.55
C ILE B 112 -15.65 26.82 -6.41
N LYS B 113 -16.61 26.74 -5.49
CA LYS B 113 -17.54 27.84 -5.23
C LYS B 113 -16.84 29.08 -4.67
N TYR B 114 -15.99 28.86 -3.67
CA TYR B 114 -15.24 29.94 -3.05
C TYR B 114 -13.75 29.64 -3.07
N PRO B 115 -13.13 29.73 -4.25
CA PRO B 115 -11.73 29.38 -4.48
C PRO B 115 -10.77 30.21 -3.63
N GLU B 116 -11.28 31.27 -3.01
CA GLU B 116 -10.40 32.20 -2.30
C GLU B 116 -10.69 32.27 -0.81
N ASN B 117 -11.77 31.62 -0.38
CA ASN B 117 -12.14 31.58 1.04
C ASN B 117 -12.22 30.15 1.57
N PHE B 118 -11.60 29.23 0.83
CA PHE B 118 -11.68 27.81 1.13
C PHE B 118 -10.47 27.11 0.54
N PHE B 119 -9.68 26.48 1.41
CA PHE B 119 -8.42 25.84 0.98
C PHE B 119 -8.21 24.42 1.49
N LEU B 120 -7.63 23.58 0.63
CA LEU B 120 -7.42 22.18 0.97
C LEU B 120 -5.97 21.78 0.73
N LEU B 121 -5.36 21.17 1.74
CA LEU B 121 -4.00 20.65 1.64
C LEU B 121 -4.05 19.15 1.36
N ARG B 122 -2.89 18.50 1.27
CA ARG B 122 -2.84 17.08 0.92
C ARG B 122 -2.35 16.20 2.06
N GLY B 123 -3.24 15.36 2.59
CA GLY B 123 -2.86 14.40 3.61
C GLY B 123 -2.24 13.17 3.00
N ASN B 124 -1.65 12.30 3.80
CA ASN B 124 -1.03 11.09 3.26
C ASN B 124 -2.05 10.17 2.59
N HIS B 125 -3.31 10.27 3.02
CA HIS B 125 -4.37 9.45 2.45
C HIS B 125 -4.93 10.01 1.14
N GLU B 126 -4.39 11.13 0.68
CA GLU B 126 -4.73 11.64 -0.64
C GLU B 126 -3.70 11.12 -1.63
N CYS B 127 -3.63 9.80 -1.71
CA CYS B 127 -2.61 9.11 -2.49
C CYS B 127 -3.17 7.75 -2.85
N ALA B 128 -3.03 7.36 -4.12
CA ALA B 128 -3.54 6.07 -4.58
C ALA B 128 -2.89 4.88 -3.90
N SER B 129 -1.69 5.09 -3.36
CA SER B 129 -0.93 4.02 -2.69
C SER B 129 -1.67 3.49 -1.46
N ILE B 130 -2.37 4.38 -0.75
CA ILE B 130 -3.14 3.98 0.42
C ILE B 130 -4.66 4.13 0.25
N ASN B 131 -5.09 4.97 -0.69
CA ASN B 131 -6.49 5.08 -1.07
C ASN B 131 -7.07 3.72 -1.37
N ARG B 132 -6.35 2.96 -2.18
CA ARG B 132 -6.79 1.66 -2.61
C ARG B 132 -7.08 0.80 -1.39
N ILE B 133 -6.17 0.84 -0.42
CA ILE B 133 -6.20 -0.06 0.73
C ILE B 133 -7.24 0.28 1.78
N TYR B 134 -7.20 1.50 2.30
CA TYR B 134 -7.99 1.83 3.49
C TYR B 134 -9.43 2.27 3.23
N GLY B 135 -10.01 1.79 2.13
CA GLY B 135 -11.44 1.87 1.95
C GLY B 135 -12.03 2.96 1.07
N PHE B 136 -11.20 3.77 0.43
CA PHE B 136 -11.73 4.78 -0.47
C PHE B 136 -11.96 4.22 -1.88
N TYR B 137 -10.96 3.51 -2.39
CA TYR B 137 -11.08 2.87 -3.68
C TYR B 137 -12.22 1.87 -3.64
N ASP B 138 -12.38 1.21 -2.50
CA ASP B 138 -13.48 0.28 -2.32
C ASP B 138 -14.82 0.99 -2.39
N GLU B 139 -14.91 2.15 -1.75
CA GLU B 139 -16.13 2.93 -1.79
C GLU B 139 -16.50 3.31 -3.22
N CYS B 140 -15.53 3.81 -3.98
CA CYS B 140 -15.78 4.14 -5.38
C CYS B 140 -16.25 2.90 -6.13
N LYS B 141 -15.48 1.83 -6.03
CA LYS B 141 -15.77 0.60 -6.73
C LYS B 141 -17.20 0.12 -6.44
N ARG B 142 -17.61 0.26 -5.18
CA ARG B 142 -18.94 -0.16 -4.76
C ARG B 142 -20.03 0.73 -5.32
N ARG B 143 -19.86 2.04 -5.19
CA ARG B 143 -20.91 2.98 -5.57
C ARG B 143 -20.84 3.46 -7.01
N TYR B 144 -19.63 3.46 -7.57
CA TYR B 144 -19.42 3.91 -8.93
C TYR B 144 -18.58 2.92 -9.72
N ASN B 145 -17.33 3.29 -9.99
CA ASN B 145 -16.46 2.41 -10.76
C ASN B 145 -14.98 2.74 -10.61
N ILE B 146 -14.15 1.79 -11.01
CA ILE B 146 -12.70 1.93 -10.90
C ILE B 146 -12.21 3.20 -11.58
N LYS B 147 -12.67 3.44 -12.80
CA LYS B 147 -12.25 4.60 -13.58
C LYS B 147 -12.37 5.90 -12.79
N LEU B 148 -13.47 6.05 -12.05
CA LEU B 148 -13.72 7.27 -11.30
C LEU B 148 -12.68 7.48 -10.21
N TRP B 149 -12.33 6.41 -9.50
CA TRP B 149 -11.29 6.47 -8.49
C TRP B 149 -9.97 6.90 -9.11
N LYS B 150 -9.71 6.38 -10.32
CA LYS B 150 -8.50 6.72 -11.06
C LYS B 150 -8.48 8.21 -11.38
N THR B 151 -9.66 8.84 -11.34
CA THR B 151 -9.81 10.27 -11.62
C THR B 151 -9.56 11.13 -10.40
N PHE B 152 -9.97 10.62 -9.23
CA PHE B 152 -9.69 11.30 -7.98
C PHE B 152 -8.18 11.40 -7.80
N THR B 153 -7.49 10.29 -8.02
CA THR B 153 -6.04 10.27 -7.82
C THR B 153 -5.30 11.19 -8.79
N ASP B 154 -5.99 11.68 -9.82
CA ASP B 154 -5.43 12.67 -10.73
C ASP B 154 -5.72 14.07 -10.22
N CYS B 155 -6.68 14.15 -9.31
CA CYS B 155 -7.04 15.41 -8.70
C CYS B 155 -6.20 15.60 -7.45
N PHE B 156 -6.06 14.54 -6.66
CA PHE B 156 -5.25 14.60 -5.45
C PHE B 156 -3.80 14.92 -5.80
N ASN B 157 -3.31 14.32 -6.87
CA ASN B 157 -1.93 14.53 -7.29
C ASN B 157 -1.61 15.99 -7.59
N CYS B 158 -2.63 16.84 -7.55
CA CYS B 158 -2.45 18.27 -7.82
C CYS B 158 -2.78 19.14 -6.61
N LEU B 159 -2.90 18.53 -5.44
CA LEU B 159 -3.22 19.28 -4.23
C LEU B 159 -2.03 20.07 -3.68
N PRO B 160 -2.31 21.15 -2.94
CA PRO B 160 -1.29 21.92 -2.24
C PRO B 160 -0.69 21.11 -1.09
N ILE B 161 0.59 21.33 -0.79
CA ILE B 161 1.29 20.57 0.25
C ILE B 161 1.32 21.25 1.61
N ALA B 162 1.42 22.58 1.61
CA ALA B 162 1.51 23.34 2.86
C ALA B 162 0.98 24.76 2.75
N ALA B 163 0.62 25.35 3.89
CA ALA B 163 0.12 26.71 3.93
C ALA B 163 0.76 27.52 5.07
N ILE B 164 1.05 28.79 4.80
CA ILE B 164 1.64 29.68 5.79
C ILE B 164 0.72 30.87 6.09
N VAL B 165 -0.02 30.76 7.18
CA VAL B 165 -0.97 31.82 7.57
C VAL B 165 -0.26 33.03 8.18
N ASP B 166 -0.45 34.19 7.56
CA ASP B 166 0.07 35.46 8.10
C ASP B 166 1.58 35.45 8.37
N GLU B 167 2.32 34.63 7.62
CA GLU B 167 3.77 34.53 7.78
C GLU B 167 4.22 34.08 9.17
N LYS B 168 3.27 33.65 10.00
CA LYS B 168 3.56 33.20 11.37
C LYS B 168 3.24 31.71 11.60
N ILE B 169 2.07 31.27 11.16
CA ILE B 169 1.71 29.85 11.28
C ILE B 169 2.05 29.05 10.03
N PHE B 170 2.76 27.93 10.22
CA PHE B 170 3.12 27.04 9.12
C PHE B 170 2.31 25.74 9.24
N CYS B 171 1.61 25.38 8.17
CA CYS B 171 0.67 24.26 8.22
C CYS B 171 0.93 23.17 7.19
N CYS B 172 0.81 21.92 7.63
CA CYS B 172 0.89 20.77 6.74
C CYS B 172 0.35 19.56 7.48
N HIS B 173 0.04 18.50 6.74
CA HIS B 173 -0.60 17.33 7.33
C HIS B 173 0.29 16.61 8.36
N GLY B 174 1.51 16.28 7.97
CA GLY B 174 2.38 15.49 8.82
C GLY B 174 3.29 16.31 9.72
N GLY B 175 4.35 16.85 9.15
CA GLY B 175 5.28 17.67 9.90
C GLY B 175 6.51 18.07 9.09
N LEU B 176 7.60 18.29 9.81
CA LEU B 176 8.84 18.78 9.22
C LEU B 176 9.67 17.67 8.59
N SER B 177 10.71 18.05 7.86
CA SER B 177 11.57 17.10 7.20
C SER B 177 13.03 17.51 7.30
N PRO B 178 13.93 16.53 7.46
CA PRO B 178 15.38 16.76 7.42
C PRO B 178 15.81 17.49 6.15
N ASP B 179 14.99 17.43 5.10
CA ASP B 179 15.32 18.05 3.81
C ASP B 179 14.71 19.43 3.62
N LEU B 180 13.73 19.77 4.46
CA LEU B 180 13.10 21.08 4.39
C LEU B 180 13.95 22.14 5.07
N GLN B 181 14.86 22.75 4.32
CA GLN B 181 15.69 23.82 4.86
C GLN B 181 15.33 25.15 4.22
N SER B 182 15.03 25.09 2.93
CA SER B 182 14.64 26.27 2.17
C SER B 182 13.15 26.24 1.86
N MET B 183 12.44 27.31 2.23
CA MET B 183 11.01 27.41 1.97
C MET B 183 10.71 27.38 0.48
N GLU B 184 11.75 27.46 -0.34
CA GLU B 184 11.60 27.39 -1.78
C GLU B 184 11.56 25.95 -2.27
N GLN B 185 12.17 25.04 -1.52
CA GLN B 185 12.20 23.63 -1.90
C GLN B 185 10.78 23.10 -2.06
N ILE B 186 9.86 23.68 -1.29
CA ILE B 186 8.45 23.33 -1.39
C ILE B 186 7.87 23.87 -2.69
N ARG B 187 8.13 25.14 -2.98
CA ARG B 187 7.62 25.78 -4.19
C ARG B 187 8.18 25.17 -5.47
N ARG B 188 9.34 24.50 -5.38
CA ARG B 188 9.99 23.91 -6.54
C ARG B 188 9.34 22.58 -6.93
N ILE B 189 8.54 22.05 -6.02
CA ILE B 189 7.84 20.78 -6.24
C ILE B 189 6.84 20.90 -7.40
N MET B 190 7.04 20.05 -8.41
CA MET B 190 6.20 20.09 -9.60
C MET B 190 4.96 19.20 -9.48
N ARG B 191 3.81 19.74 -9.87
CA ARG B 191 2.58 18.96 -9.91
C ARG B 191 2.17 18.75 -11.37
N PRO B 192 1.43 17.65 -11.64
CA PRO B 192 0.95 16.65 -10.69
C PRO B 192 2.05 15.69 -10.28
N THR B 193 1.90 15.09 -9.10
CA THR B 193 2.95 14.22 -8.57
C THR B 193 2.40 13.21 -7.58
N ASP B 194 2.99 12.03 -7.58
CA ASP B 194 2.68 11.00 -6.60
C ASP B 194 3.39 11.32 -5.28
N VAL B 195 2.95 10.69 -4.20
CA VAL B 195 3.64 10.82 -2.91
C VAL B 195 4.68 9.71 -2.77
N PRO B 196 5.96 10.09 -2.79
CA PRO B 196 7.12 9.19 -2.75
C PRO B 196 7.26 8.40 -1.45
N ASP B 197 8.29 7.55 -1.38
CA ASP B 197 8.61 6.80 -0.18
C ASP B 197 9.54 7.60 0.72
N GLN B 198 10.46 8.32 0.10
CA GLN B 198 11.42 9.11 0.83
C GLN B 198 11.34 10.56 0.39
N GLY B 199 12.26 11.38 0.88
CA GLY B 199 12.38 12.74 0.41
C GLY B 199 11.45 13.74 1.08
N LEU B 200 11.59 15.00 0.68
CA LEU B 200 10.86 16.10 1.29
C LEU B 200 9.35 15.89 1.27
N LEU B 201 8.80 15.73 0.07
CA LEU B 201 7.36 15.66 -0.08
C LEU B 201 6.75 14.61 0.85
N CYS B 202 7.29 13.39 0.79
CA CYS B 202 6.84 12.35 1.69
C CYS B 202 6.79 12.83 3.14
N ASP B 203 7.93 13.25 3.67
CA ASP B 203 8.04 13.64 5.08
C ASP B 203 6.98 14.67 5.48
N LEU B 204 6.68 15.59 4.58
CA LEU B 204 5.71 16.65 4.82
C LEU B 204 4.31 16.11 5.14
N LEU B 205 4.05 14.87 4.71
CA LEU B 205 2.74 14.25 4.89
C LEU B 205 2.76 13.08 5.86
N TRP B 206 3.95 12.66 6.26
CA TRP B 206 4.06 11.47 7.08
C TRP B 206 4.62 11.70 8.48
N SER B 207 5.61 12.59 8.59
CA SER B 207 6.37 12.77 9.83
C SER B 207 5.52 13.03 11.08
N ASP B 208 6.13 12.80 12.24
CA ASP B 208 5.43 12.99 13.52
C ASP B 208 6.29 13.69 14.56
N PRO B 209 5.64 14.37 15.52
CA PRO B 209 6.30 14.82 16.73
C PRO B 209 6.52 13.65 17.69
N ASP B 210 7.57 13.73 18.51
CA ASP B 210 7.83 12.73 19.53
C ASP B 210 8.59 13.34 20.71
N LYS B 211 7.95 13.32 21.88
CA LYS B 211 8.55 13.84 23.11
C LYS B 211 9.88 13.16 23.40
N ASP B 212 9.89 11.83 23.27
CA ASP B 212 11.05 11.03 23.65
C ASP B 212 12.19 11.11 22.65
N VAL B 213 11.92 11.63 21.47
CA VAL B 213 12.94 11.68 20.43
C VAL B 213 13.81 12.94 20.53
N GLN B 214 15.09 12.79 20.28
CA GLN B 214 16.00 13.93 20.22
C GLN B 214 16.62 14.01 18.82
N GLY B 215 16.18 14.99 18.04
CA GLY B 215 16.65 15.16 16.69
C GLY B 215 15.70 14.51 15.70
N TRP B 216 16.23 13.59 14.89
CA TRP B 216 15.41 12.87 13.92
C TRP B 216 15.45 11.36 14.17
N GLY B 217 14.35 10.81 14.65
CA GLY B 217 14.27 9.38 14.92
C GLY B 217 13.43 8.61 13.91
N GLU B 218 13.46 7.28 14.00
CA GLU B 218 12.67 6.43 13.12
C GLU B 218 11.18 6.57 13.41
N ASN B 219 10.36 6.51 12.36
CA ASN B 219 8.92 6.60 12.52
C ASN B 219 8.25 5.25 12.61
N ASP B 220 7.47 5.04 13.66
CA ASP B 220 6.80 3.77 13.89
C ASP B 220 5.89 3.38 12.72
N ARG B 221 5.60 4.34 11.85
CA ARG B 221 4.71 4.08 10.71
C ARG B 221 5.40 3.25 9.64
N GLY B 222 6.73 3.24 9.67
CA GLY B 222 7.48 2.51 8.67
C GLY B 222 7.79 3.38 7.47
N VAL B 223 7.48 4.66 7.59
CA VAL B 223 7.79 5.62 6.53
C VAL B 223 8.10 6.98 7.13
N SER B 224 9.00 7.73 6.49
CA SER B 224 9.43 9.04 7.00
C SER B 224 10.08 8.96 8.38
N PHE B 225 10.17 10.10 9.07
CA PHE B 225 10.84 10.17 10.36
C PHE B 225 9.93 10.63 11.49
N THR B 226 10.53 10.77 12.67
CA THR B 226 9.92 11.49 13.78
C THR B 226 10.91 12.58 14.19
N PHE B 227 10.39 13.73 14.61
CA PHE B 227 11.23 14.83 15.04
C PHE B 227 10.92 15.21 16.50
N GLY B 228 11.87 15.86 17.16
CA GLY B 228 11.72 16.26 18.54
C GLY B 228 11.48 17.74 18.74
N ALA B 229 11.31 18.17 19.99
CA ALA B 229 10.97 19.56 20.29
C ALA B 229 12.07 20.56 19.92
N GLU B 230 13.30 20.06 19.81
CA GLU B 230 14.43 20.88 19.41
C GLU B 230 14.26 21.30 17.95
N VAL B 231 13.94 20.32 17.11
CA VAL B 231 13.78 20.54 15.67
C VAL B 231 12.72 21.60 15.41
N VAL B 232 11.63 21.54 16.19
CA VAL B 232 10.55 22.50 16.08
C VAL B 232 11.03 23.93 16.32
N ALA B 233 11.62 24.15 17.49
CA ALA B 233 12.11 25.47 17.87
C ALA B 233 13.16 26.02 16.90
N LYS B 234 14.12 25.18 16.54
CA LYS B 234 15.21 25.57 15.65
C LYS B 234 14.69 25.94 14.27
N PHE B 235 13.50 25.44 13.94
CA PHE B 235 12.86 25.69 12.65
C PHE B 235 11.98 26.95 12.69
N LEU B 236 11.14 27.05 13.73
CA LEU B 236 10.33 28.24 13.93
C LEU B 236 11.21 29.49 14.05
N HIS B 237 12.48 29.30 14.39
CA HIS B 237 13.41 30.40 14.59
C HIS B 237 14.17 30.74 13.31
N LYS B 238 14.36 29.74 12.45
CA LYS B 238 15.08 29.92 11.19
C LYS B 238 14.21 30.61 10.14
N HIS B 239 12.90 30.62 10.37
CA HIS B 239 11.97 31.18 9.39
C HIS B 239 11.03 32.22 10.00
N ASP B 240 11.32 32.60 11.23
CA ASP B 240 10.48 33.56 11.94
C ASP B 240 9.01 33.14 11.89
N LEU B 241 8.73 31.93 12.37
CA LEU B 241 7.37 31.46 12.54
C LEU B 241 7.10 31.25 14.00
N ASP B 242 5.83 31.36 14.41
CA ASP B 242 5.48 31.23 15.82
C ASP B 242 4.67 29.99 16.14
N LEU B 243 4.22 29.28 15.10
CA LEU B 243 3.41 28.08 15.29
C LEU B 243 3.51 27.09 14.15
N ILE B 244 3.36 25.81 14.47
CA ILE B 244 3.24 24.75 13.47
C ILE B 244 1.93 24.01 13.69
N CYS B 245 1.05 24.06 12.68
CA CYS B 245 -0.24 23.40 12.77
C CYS B 245 -0.36 22.21 11.80
N ARG B 246 -0.61 21.03 12.37
CA ARG B 246 -0.67 19.80 11.59
C ARG B 246 -1.66 18.82 12.21
N ALA B 247 -1.97 17.76 11.47
CA ALA B 247 -2.94 16.76 11.91
C ALA B 247 -2.29 15.37 11.98
N HIS B 248 -2.79 14.44 11.18
CA HIS B 248 -2.12 13.16 10.94
C HIS B 248 -2.22 12.17 12.09
N GLN B 249 -2.37 12.68 13.32
CA GLN B 249 -2.39 11.85 14.52
C GLN B 249 -3.60 12.11 15.41
N VAL B 250 -4.27 11.03 15.82
CA VAL B 250 -5.43 11.13 16.70
C VAL B 250 -5.00 11.68 18.05
N VAL B 251 -5.78 12.61 18.59
CA VAL B 251 -5.52 13.12 19.93
C VAL B 251 -6.81 13.12 20.74
N GLU B 252 -6.69 12.84 22.03
CA GLU B 252 -7.88 12.64 22.86
C GLU B 252 -8.85 13.83 22.84
N ASP B 253 -8.31 15.05 22.94
CA ASP B 253 -9.15 16.24 23.04
C ASP B 253 -9.49 16.93 21.71
N GLY B 254 -8.83 16.51 20.64
CA GLY B 254 -9.05 17.11 19.34
C GLY B 254 -7.90 18.05 18.99
N TYR B 255 -7.37 18.72 20.00
CA TYR B 255 -6.14 19.48 19.83
C TYR B 255 -5.15 19.04 20.90
N GLU B 256 -3.88 19.11 20.58
CA GLU B 256 -2.85 18.70 21.51
C GLU B 256 -1.57 19.47 21.21
N PHE B 257 -0.94 19.97 22.28
CA PHE B 257 0.25 20.78 22.13
C PHE B 257 1.53 19.95 22.21
N PHE B 258 2.58 20.46 21.57
CA PHE B 258 3.88 19.81 21.57
C PHE B 258 4.96 20.90 21.48
N ALA B 259 6.15 20.58 21.97
CA ALA B 259 7.24 21.55 22.03
C ALA B 259 6.77 22.77 22.81
N LYS B 260 5.93 22.51 23.82
CA LYS B 260 5.40 23.56 24.67
C LYS B 260 4.65 24.62 23.85
N ARG B 261 3.55 24.19 23.24
CA ARG B 261 2.69 25.08 22.45
C ARG B 261 3.37 25.68 21.22
N GLN B 262 4.60 25.25 20.94
CA GLN B 262 5.29 25.70 19.73
C GLN B 262 4.75 24.98 18.51
N LEU B 263 3.91 23.97 18.77
CA LEU B 263 3.28 23.16 17.72
C LEU B 263 1.97 22.59 18.26
N VAL B 264 0.96 22.52 17.42
CA VAL B 264 -0.31 21.93 17.82
C VAL B 264 -0.75 20.86 16.82
N THR B 265 -1.43 19.84 17.32
CA THR B 265 -1.96 18.79 16.47
C THR B 265 -3.49 18.85 16.48
N LEU B 266 -4.07 18.92 15.28
CA LEU B 266 -5.51 19.02 15.12
C LEU B 266 -6.10 17.76 14.51
N PHE B 267 -7.15 17.23 15.12
CA PHE B 267 -7.84 16.06 14.62
C PHE B 267 -9.34 16.31 14.70
N SER B 268 -9.99 16.32 13.55
CA SER B 268 -11.37 16.81 13.46
C SER B 268 -12.44 15.71 13.44
N ALA B 269 -12.00 14.46 13.42
CA ALA B 269 -12.92 13.33 13.38
C ALA B 269 -13.08 12.65 14.74
N PRO B 270 -14.21 12.92 15.41
CA PRO B 270 -14.55 12.27 16.68
C PRO B 270 -14.66 10.76 16.48
N ASN B 271 -14.20 9.99 17.47
CA ASN B 271 -14.25 8.53 17.40
C ASN B 271 -13.66 8.00 16.10
N TYR B 272 -12.38 8.30 15.90
CA TYR B 272 -11.66 8.02 14.66
C TYR B 272 -12.12 6.77 13.92
N CYS B 273 -12.53 5.75 14.66
CA CYS B 273 -13.07 4.54 14.07
C CYS B 273 -14.09 3.90 15.00
N GLY B 274 -14.61 4.71 15.93
CA GLY B 274 -15.42 4.18 17.00
C GLY B 274 -14.54 3.44 17.99
N GLU B 275 -13.23 3.67 17.88
CA GLU B 275 -12.25 3.00 18.73
C GLU B 275 -11.47 4.01 19.55
N PHE B 276 -12.05 5.18 19.79
CA PHE B 276 -11.27 6.20 20.48
C PHE B 276 -12.04 7.05 21.50
N ASP B 277 -13.30 7.32 21.22
CA ASP B 277 -14.11 8.15 22.12
C ASP B 277 -13.47 9.53 22.27
N ASN B 278 -12.58 9.85 21.34
CA ASN B 278 -11.91 11.14 21.33
C ASN B 278 -12.81 12.22 20.75
N ALA B 279 -12.52 13.47 21.10
CA ALA B 279 -13.27 14.58 20.55
C ALA B 279 -12.58 15.12 19.31
N GLY B 280 -13.31 15.94 18.56
CA GLY B 280 -12.75 16.57 17.39
C GLY B 280 -12.57 18.05 17.63
N ALA B 281 -11.51 18.61 17.05
CA ALA B 281 -11.21 20.01 17.28
C ALA B 281 -11.07 20.79 15.98
N MET B 282 -11.14 22.11 16.12
CA MET B 282 -11.02 23.02 15.00
C MET B 282 -10.48 24.31 15.57
N MET B 283 -9.49 24.89 14.91
CA MET B 283 -8.80 26.05 15.46
C MET B 283 -9.26 27.38 14.87
N SER B 284 -10.02 28.14 15.65
CA SER B 284 -10.45 29.48 15.25
C SER B 284 -9.28 30.46 15.37
N VAL B 285 -9.03 31.19 14.30
CA VAL B 285 -7.93 32.14 14.29
C VAL B 285 -8.40 33.51 13.81
N ASP B 286 -8.68 34.42 14.76
CA ASP B 286 -9.11 35.78 14.41
C ASP B 286 -7.94 36.61 13.85
N GLU B 287 -8.25 37.78 13.30
CA GLU B 287 -7.25 38.57 12.57
C GLU B 287 -6.02 38.91 13.42
N THR B 288 -6.17 38.84 14.75
CA THR B 288 -5.11 39.22 15.66
C THR B 288 -4.17 38.05 15.96
N LEU B 289 -4.50 36.89 15.41
CA LEU B 289 -3.78 35.64 15.70
C LEU B 289 -4.07 35.15 17.12
N MET B 290 -5.30 35.35 17.56
CA MET B 290 -5.79 34.81 18.83
C MET B 290 -6.54 33.50 18.54
N CYS B 291 -5.85 32.39 18.81
CA CYS B 291 -6.36 31.08 18.42
C CYS B 291 -7.20 30.43 19.52
N SER B 292 -8.38 29.95 19.14
CA SER B 292 -9.25 29.23 20.06
C SER B 292 -9.62 27.87 19.47
N PHE B 293 -10.05 26.94 20.32
CA PHE B 293 -10.32 25.58 19.86
C PHE B 293 -11.77 25.13 20.07
N GLN B 294 -12.60 25.33 19.05
CA GLN B 294 -13.97 24.83 19.08
C GLN B 294 -13.96 23.30 19.02
N ILE B 295 -14.67 22.67 19.95
CA ILE B 295 -14.60 21.22 20.09
C ILE B 295 -15.93 20.52 19.76
N LEU B 296 -15.83 19.45 18.98
CA LEU B 296 -16.97 18.62 18.66
C LEU B 296 -16.90 17.35 19.49
N LYS B 297 -17.55 17.37 20.66
CA LYS B 297 -17.56 16.21 21.54
C LYS B 297 -18.13 15.01 20.80
N PRO B 298 -17.79 13.79 21.26
CA PRO B 298 -18.18 12.54 20.61
C PRO B 298 -19.63 12.18 20.84
N ALA B 299 -19.85 11.21 21.73
CA ALA B 299 -21.18 10.76 22.09
C ALA B 299 -21.09 9.71 23.19
N ASP B 300 -21.76 9.98 24.32
CA ASP B 300 -21.75 9.07 25.45
C ASP B 300 -23.13 8.47 25.69
N LYS C 4 7.91 -37.16 -23.86
CA LYS C 4 8.91 -36.17 -23.51
C LYS C 4 8.47 -34.70 -23.73
N LYS C 5 7.18 -34.45 -23.63
CA LYS C 5 6.64 -33.10 -23.74
C LYS C 5 5.40 -32.92 -22.93
N LEU C 6 4.83 -31.73 -23.04
CA LEU C 6 3.91 -31.24 -22.01
C LEU C 6 2.52 -31.86 -21.99
N ARG C 7 2.16 -32.45 -20.84
CA ARG C 7 0.81 -32.95 -20.60
C ARG C 7 0.52 -33.08 -19.11
N PHE C 8 -0.74 -33.32 -18.75
CA PHE C 8 -1.16 -33.27 -17.34
C PHE C 8 -2.02 -34.38 -16.73
N ASP C 9 -1.77 -34.67 -15.45
CA ASP C 9 -2.43 -35.77 -14.75
C ASP C 9 -3.78 -35.59 -14.02
N ILE C 10 -4.26 -36.67 -13.44
CA ILE C 10 -5.54 -36.67 -12.71
C ILE C 10 -5.57 -37.78 -11.65
#